data_5BN2
#
_entry.id   5BN2
#
_cell.length_a   92.487
_cell.length_b   92.487
_cell.length_c   81.191
_cell.angle_alpha   90.00
_cell.angle_beta   90.00
_cell.angle_gamma   90.00
#
_symmetry.space_group_name_H-M   'I 4'
#
loop_
_entity.id
_entity.type
_entity.pdbx_description
1 polymer 'AQY1 protein'
2 non-polymer 'octyl beta-D-glucopyranoside'
3 non-polymer 'CHLORIDE ION'
4 non-polymer 'CALCIUM ION'
5 water water
#
_entity_poly.entity_id   1
_entity_poly.type   'polypeptide(L)'
_entity_poly.pdbx_seq_one_letter_code
;MPDIENQAADGQAEIKPEDAPYITNAYKPAYARWGFGSDSVRNHFIAMSGEFVGTFLFLWSAFVIAQIANQAPETPDGGS
NPAQLIMISFGFGFGVMVGVFITYRVSGGNLNPAVTLALVLARAIPPFRGILMAFTQIVAGMAAAGAASAMTPGEIAFAN
ALGGGASRTRGLFLEAFGTAILCLTVLMLAVEKHRATWFAPFVIGIALLIAHLICIYYTGAGLNPARSFGPAVAARSFPN
YHWIYWLGPILGAFLAYSIWQMWKWLNYQTTNPGQDSDA
;
_entity_poly.pdbx_strand_id   A
#
loop_
_chem_comp.id
_chem_comp.type
_chem_comp.name
_chem_comp.formula
BOG D-saccharide 'octyl beta-D-glucopyranoside' 'C14 H28 O6'
CA non-polymer 'CALCIUM ION' 'Ca 2'
CL non-polymer 'CHLORIDE ION' 'Cl -1'
#
# COMPACT_ATOMS: atom_id res chain seq x y z
N GLU A 14 20.89 32.80 -11.24
CA GLU A 14 20.81 33.01 -9.73
C GLU A 14 19.46 32.59 -9.17
N ILE A 15 19.51 31.91 -8.04
CA ILE A 15 18.32 31.62 -7.25
C ILE A 15 18.22 32.59 -6.13
N LYS A 16 17.05 33.22 -5.98
CA LYS A 16 16.82 34.17 -4.91
C LYS A 16 16.77 33.39 -3.60
N PRO A 17 17.19 33.97 -2.50
CA PRO A 17 17.23 33.24 -1.25
C PRO A 17 15.86 32.69 -0.85
N GLU A 18 14.79 33.40 -1.15
CA GLU A 18 13.47 33.00 -0.68
C GLU A 18 12.97 31.80 -1.49
N ASP A 19 13.51 31.59 -2.72
CA ASP A 19 13.19 30.42 -3.52
C ASP A 19 14.02 29.21 -3.19
N ALA A 20 15.17 29.39 -2.57
CA ALA A 20 16.13 28.28 -2.41
C ALA A 20 15.52 27.00 -1.80
N PRO A 21 14.68 27.12 -0.74
CA PRO A 21 14.22 25.84 -0.18
C PRO A 21 13.41 24.96 -1.13
N TYR A 22 12.71 25.62 -2.01
CA TYR A 22 11.88 24.97 -3.00
C TYR A 22 12.66 24.23 -4.06
N ILE A 23 13.90 24.66 -4.24
CA ILE A 23 14.76 24.14 -5.26
C ILE A 23 15.73 23.13 -4.69
N THR A 24 16.14 23.32 -3.45
CA THR A 24 17.22 22.50 -2.89
C THR A 24 16.75 21.39 -1.99
N ASN A 25 15.60 21.50 -1.37
CA ASN A 25 15.18 20.52 -0.40
C ASN A 25 14.47 19.32 -1.12
N ALA A 26 15.16 18.20 -1.21
CA ALA A 26 14.63 17.03 -1.90
C ALA A 26 13.41 16.50 -1.22
N TYR A 27 12.48 16.13 -2.03
N TYR A 27 12.45 16.17 -2.04
CA TYR A 27 11.27 15.56 -1.48
CA TYR A 27 11.25 15.49 -1.55
C TYR A 27 11.50 14.04 -1.58
C TYR A 27 11.51 13.99 -1.59
N LYS A 28 12.15 13.49 -0.54
CA LYS A 28 12.68 12.12 -0.50
C LYS A 28 12.05 11.35 0.65
N PRO A 29 11.88 10.01 0.51
CA PRO A 29 11.26 9.27 1.58
C PRO A 29 12.10 9.39 2.83
N ALA A 30 11.42 9.31 3.99
CA ALA A 30 12.13 9.43 5.26
C ALA A 30 13.15 8.39 5.47
N TYR A 31 12.91 7.15 5.02
CA TYR A 31 13.82 6.09 5.31
C TYR A 31 15.17 6.30 4.63
N ALA A 32 15.27 7.14 3.60
CA ALA A 32 16.51 7.40 2.96
C ALA A 32 17.48 8.07 3.88
N ARG A 33 16.99 8.67 4.95
CA ARG A 33 17.84 9.44 5.84
C ARG A 33 17.86 8.94 7.27
N TRP A 34 17.50 7.68 7.44
CA TRP A 34 17.52 7.02 8.74
C TRP A 34 18.84 6.27 8.96
N GLY A 35 19.83 7.00 9.36
CA GLY A 35 21.10 6.42 9.72
C GLY A 35 21.36 6.46 11.17
N PHE A 36 22.61 6.75 11.48
CA PHE A 36 22.97 6.86 12.89
C PHE A 36 22.11 7.94 13.55
N GLY A 37 21.62 7.65 14.78
CA GLY A 37 20.74 8.51 15.53
C GLY A 37 19.26 8.14 15.44
N SER A 38 18.93 7.24 14.47
CA SER A 38 17.56 6.85 14.17
C SER A 38 16.92 6.04 15.27
N ASP A 39 17.68 5.48 16.18
CA ASP A 39 17.05 4.52 17.16
C ASP A 39 16.56 5.25 18.42
N SER A 40 16.44 6.55 18.34
CA SER A 40 15.84 7.25 19.46
C SER A 40 14.34 6.98 19.57
N VAL A 41 13.78 7.16 20.76
CA VAL A 41 12.32 7.05 20.93
C VAL A 41 11.60 8.08 20.08
N ARG A 42 12.16 9.27 20.01
CA ARG A 42 11.62 10.32 19.15
C ARG A 42 11.46 9.86 17.71
N ASN A 43 12.55 9.31 17.16
CA ASN A 43 12.52 8.93 15.77
C ASN A 43 11.58 7.74 15.54
N HIS A 44 11.51 6.80 16.44
CA HIS A 44 10.56 5.68 16.26
C HIS A 44 9.16 6.25 16.34
N PHE A 45 8.86 7.21 17.22
CA PHE A 45 7.53 7.77 17.32
C PHE A 45 7.17 8.54 16.04
N ILE A 46 8.09 9.26 15.48
CA ILE A 46 7.82 9.94 14.25
C ILE A 46 7.39 8.97 13.17
N ALA A 47 8.15 7.91 12.97
CA ALA A 47 7.87 6.92 11.94
C ALA A 47 6.48 6.29 12.21
N MET A 48 6.23 5.89 13.44
CA MET A 48 4.94 5.29 13.79
C MET A 48 3.78 6.26 13.55
N SER A 49 3.97 7.53 13.89
CA SER A 49 2.89 8.48 13.68
C SER A 49 2.62 8.69 12.26
N GLY A 50 3.63 8.75 11.40
CA GLY A 50 3.34 8.84 9.99
C GLY A 50 2.60 7.63 9.45
N GLU A 51 3.03 6.45 9.80
CA GLU A 51 2.33 5.26 9.33
C GLU A 51 0.90 5.20 9.88
N PHE A 52 0.69 5.61 11.11
CA PHE A 52 -0.67 5.58 11.65
C PHE A 52 -1.58 6.54 10.93
N VAL A 53 -1.16 7.80 10.84
CA VAL A 53 -1.98 8.79 10.18
C VAL A 53 -2.21 8.46 8.72
N GLY A 54 -1.13 8.12 8.02
CA GLY A 54 -1.28 7.83 6.61
C GLY A 54 -2.17 6.61 6.36
N THR A 55 -1.95 5.53 7.13
CA THR A 55 -2.68 4.30 6.88
C THR A 55 -4.14 4.51 7.25
N PHE A 56 -4.42 5.18 8.34
CA PHE A 56 -5.79 5.49 8.74
C PHE A 56 -6.49 6.29 7.65
N LEU A 57 -5.90 7.42 7.22
N LEU A 57 -5.89 7.41 7.21
CA LEU A 57 -6.60 8.25 6.29
CA LEU A 57 -6.60 8.24 6.27
C LEU A 57 -6.82 7.51 4.95
C LEU A 57 -6.82 7.51 4.95
N PHE A 58 -5.83 6.76 4.48
CA PHE A 58 -5.96 5.99 3.24
C PHE A 58 -7.08 4.97 3.37
N LEU A 59 -7.00 4.10 4.39
CA LEU A 59 -7.95 2.99 4.48
C LEU A 59 -9.31 3.47 4.87
N TRP A 60 -9.48 4.46 5.75
CA TRP A 60 -10.80 4.96 6.09
C TRP A 60 -11.47 5.46 4.85
N SER A 61 -10.75 6.30 4.08
N SER A 61 -10.76 6.31 4.08
CA SER A 61 -11.30 6.86 2.85
CA SER A 61 -11.40 6.91 2.92
C SER A 61 -11.78 5.79 1.93
C SER A 61 -11.80 5.80 1.92
N ALA A 62 -10.88 4.83 1.67
CA ALA A 62 -11.15 3.80 0.71
C ALA A 62 -12.29 2.86 1.14
N PHE A 63 -12.39 2.62 2.43
CA PHE A 63 -13.50 1.78 2.97
C PHE A 63 -14.82 2.45 2.81
N VAL A 64 -14.91 3.75 3.10
CA VAL A 64 -16.18 4.44 2.91
C VAL A 64 -16.57 4.43 1.42
N ILE A 65 -15.60 4.73 0.57
CA ILE A 65 -15.87 4.73 -0.90
C ILE A 65 -16.39 3.35 -1.34
N ALA A 66 -15.75 2.28 -0.86
CA ALA A 66 -16.20 0.91 -1.21
C ALA A 66 -17.60 0.68 -0.68
N GLN A 67 -17.90 1.11 0.55
CA GLN A 67 -19.21 0.97 1.11
C GLN A 67 -20.23 1.57 0.14
N ILE A 68 -20.01 2.79 -0.33
CA ILE A 68 -20.93 3.46 -1.25
C ILE A 68 -21.02 2.72 -2.57
N ALA A 69 -19.89 2.34 -3.09
CA ALA A 69 -19.90 1.69 -4.41
C ALA A 69 -20.68 0.41 -4.39
N ASN A 70 -20.63 -0.30 -3.26
CA ASN A 70 -21.37 -1.55 -3.08
C ASN A 70 -22.85 -1.39 -2.80
N GLN A 71 -23.34 -0.15 -2.78
CA GLN A 71 -24.76 0.12 -2.78
C GLN A 71 -25.37 0.25 -4.17
N ALA A 72 -24.57 0.02 -5.20
CA ALA A 72 -25.04 0.07 -6.55
C ALA A 72 -25.99 -1.14 -6.76
N PRO A 73 -26.98 -0.98 -7.67
CA PRO A 73 -27.86 -2.14 -7.97
C PRO A 73 -27.02 -3.33 -8.43
N GLU A 74 -27.45 -4.52 -8.04
CA GLU A 74 -26.78 -5.76 -8.34
C GLU A 74 -26.80 -6.01 -9.86
N THR A 75 -25.69 -6.57 -10.35
CA THR A 75 -25.56 -6.94 -11.78
C THR A 75 -25.96 -8.36 -11.96
N PRO A 76 -26.87 -8.61 -12.90
CA PRO A 76 -27.29 -9.99 -13.09
C PRO A 76 -26.20 -11.01 -13.46
N ASP A 77 -26.48 -12.24 -13.08
CA ASP A 77 -25.72 -13.39 -13.58
C ASP A 77 -24.26 -13.28 -13.12
N GLY A 78 -23.98 -12.56 -12.05
CA GLY A 78 -22.64 -12.47 -11.62
C GLY A 78 -21.70 -11.61 -12.46
N GLY A 79 -22.21 -10.84 -13.43
CA GLY A 79 -21.40 -10.07 -14.33
C GLY A 79 -20.70 -8.98 -13.59
N SER A 80 -19.82 -8.30 -14.25
CA SER A 80 -19.05 -7.22 -13.62
C SER A 80 -19.76 -5.87 -13.89
N ASN A 81 -19.44 -4.88 -13.07
CA ASN A 81 -19.95 -3.54 -13.18
C ASN A 81 -18.75 -2.61 -13.30
N PRO A 82 -18.35 -2.28 -14.51
CA PRO A 82 -17.14 -1.51 -14.68
C PRO A 82 -17.14 -0.18 -13.91
N ALA A 83 -18.23 0.57 -13.90
CA ALA A 83 -18.18 1.83 -13.16
C ALA A 83 -17.98 1.63 -11.70
N GLN A 84 -18.60 0.62 -11.11
CA GLN A 84 -18.40 0.28 -9.72
C GLN A 84 -16.92 -0.07 -9.44
N LEU A 85 -16.36 -0.92 -10.30
CA LEU A 85 -14.99 -1.30 -10.12
C LEU A 85 -14.03 -0.09 -10.24
N ILE A 86 -14.30 0.77 -11.18
CA ILE A 86 -13.49 1.99 -11.30
C ILE A 86 -13.60 2.83 -10.05
N MET A 87 -14.80 3.03 -9.49
CA MET A 87 -14.95 3.83 -8.31
C MET A 87 -14.13 3.28 -7.15
N ILE A 88 -14.21 1.99 -6.89
CA ILE A 88 -13.50 1.38 -5.79
C ILE A 88 -11.97 1.50 -6.06
N SER A 89 -11.55 1.30 -7.26
N SER A 89 -11.53 1.32 -7.28
CA SER A 89 -10.13 1.42 -7.64
CA SER A 89 -10.10 1.41 -7.56
C SER A 89 -9.59 2.84 -7.41
C SER A 89 -9.59 2.84 -7.39
N PHE A 90 -10.43 3.81 -7.71
CA PHE A 90 -10.07 5.22 -7.45
C PHE A 90 -9.95 5.41 -5.96
N GLY A 91 -10.86 4.90 -5.15
CA GLY A 91 -10.78 5.11 -3.71
C GLY A 91 -9.47 4.58 -3.17
N PHE A 92 -9.04 3.40 -3.52
CA PHE A 92 -7.76 2.86 -3.02
C PHE A 92 -6.57 3.49 -3.71
N GLY A 93 -6.61 3.66 -5.02
CA GLY A 93 -5.42 4.18 -5.72
C GLY A 93 -5.18 5.63 -5.45
N PHE A 94 -6.19 6.49 -5.49
CA PHE A 94 -6.02 7.88 -5.17
C PHE A 94 -5.87 8.05 -3.66
N GLY A 95 -6.56 7.23 -2.88
CA GLY A 95 -6.40 7.29 -1.43
C GLY A 95 -4.97 7.06 -1.02
N VAL A 96 -4.34 6.02 -1.57
CA VAL A 96 -2.96 5.76 -1.20
C VAL A 96 -2.06 6.87 -1.72
N MET A 97 -2.36 7.42 -2.85
CA MET A 97 -1.57 8.50 -3.41
C MET A 97 -1.48 9.66 -2.42
N VAL A 98 -2.65 10.08 -1.93
CA VAL A 98 -2.71 11.16 -0.98
C VAL A 98 -1.97 10.79 0.31
N GLY A 99 -2.25 9.60 0.85
CA GLY A 99 -1.59 9.17 2.06
C GLY A 99 -0.08 9.16 1.92
N VAL A 100 0.46 8.68 0.83
CA VAL A 100 1.93 8.62 0.70
C VAL A 100 2.42 10.00 0.45
N PHE A 101 1.79 10.86 -0.32
CA PHE A 101 2.35 12.21 -0.47
C PHE A 101 2.42 12.89 0.87
N ILE A 102 1.37 12.76 1.72
CA ILE A 102 1.37 13.46 3.00
C ILE A 102 2.50 12.99 3.89
N THR A 103 2.75 11.67 3.92
CA THR A 103 3.64 11.07 4.91
C THR A 103 5.03 10.73 4.34
N TYR A 104 5.35 11.09 3.10
CA TYR A 104 6.57 10.69 2.48
C TYR A 104 7.80 11.09 3.30
N ARG A 105 7.84 12.33 3.81
CA ARG A 105 8.98 12.82 4.55
C ARG A 105 8.86 12.59 6.06
N VAL A 106 7.77 11.95 6.50
CA VAL A 106 7.54 11.62 7.87
C VAL A 106 8.02 10.19 8.18
N SER A 107 7.43 9.22 7.42
CA SER A 107 7.69 7.84 7.60
C SER A 107 8.13 7.11 6.31
N GLY A 108 8.03 7.78 5.18
CA GLY A 108 8.16 7.19 3.92
C GLY A 108 6.87 6.62 3.28
N GLY A 109 5.79 6.71 4.03
CA GLY A 109 4.52 6.37 3.43
C GLY A 109 4.39 4.96 2.97
N ASN A 110 4.71 3.98 3.82
CA ASN A 110 4.57 2.58 3.37
C ASN A 110 3.10 2.12 3.31
N LEU A 111 2.42 2.28 4.45
CA LEU A 111 0.96 2.13 4.58
C LEU A 111 0.49 0.68 4.30
N ASN A 112 1.36 -0.28 4.44
CA ASN A 112 1.14 -1.64 3.88
C ASN A 112 2.25 -2.52 4.39
N PRO A 113 1.95 -3.55 5.19
CA PRO A 113 3.02 -4.37 5.71
C PRO A 113 3.83 -5.09 4.60
N ALA A 114 3.23 -5.39 3.46
CA ALA A 114 3.95 -6.00 2.41
C ALA A 114 5.02 -5.06 1.79
N VAL A 115 4.67 -3.79 1.72
CA VAL A 115 5.62 -2.78 1.28
C VAL A 115 6.80 -2.71 2.27
N THR A 116 6.47 -2.64 3.57
CA THR A 116 7.54 -2.55 4.60
C THR A 116 8.42 -3.77 4.48
N LEU A 117 7.84 -4.96 4.29
CA LEU A 117 8.65 -6.19 4.15
C LEU A 117 9.56 -6.07 2.95
N ALA A 118 9.10 -5.66 1.80
CA ALA A 118 10.04 -5.46 0.66
C ALA A 118 11.19 -4.53 0.99
N LEU A 119 10.90 -3.46 1.72
N LEU A 119 10.90 -3.46 1.71
CA LEU A 119 11.90 -2.49 2.12
CA LEU A 119 11.92 -2.50 2.06
C LEU A 119 12.90 -3.02 3.11
C LEU A 119 12.90 -3.01 3.12
N VAL A 120 12.43 -3.88 4.00
CA VAL A 120 13.33 -4.60 4.94
C VAL A 120 14.26 -5.55 4.19
N LEU A 121 13.71 -6.29 3.24
CA LEU A 121 14.51 -7.24 2.44
C LEU A 121 15.61 -6.43 1.66
N ALA A 122 15.22 -5.25 1.12
CA ALA A 122 16.14 -4.37 0.38
C ALA A 122 17.12 -3.58 1.25
N ARG A 123 16.99 -3.77 2.56
CA ARG A 123 17.85 -3.12 3.57
C ARG A 123 17.65 -1.58 3.56
N ALA A 124 16.49 -1.12 3.09
CA ALA A 124 16.11 0.27 3.18
C ALA A 124 15.61 0.69 4.55
N ILE A 125 15.03 -0.26 5.25
CA ILE A 125 14.48 -0.05 6.59
C ILE A 125 15.00 -1.20 7.44
N PRO A 126 15.48 -0.93 8.66
CA PRO A 126 15.95 -2.03 9.49
C PRO A 126 14.86 -2.81 10.09
N PRO A 127 15.16 -4.04 10.50
CA PRO A 127 14.07 -4.97 10.87
C PRO A 127 13.24 -4.47 12.05
N PHE A 128 13.86 -3.98 13.11
CA PHE A 128 13.03 -3.58 14.24
C PHE A 128 12.07 -2.41 13.91
N ARG A 129 12.57 -1.36 13.30
CA ARG A 129 11.78 -0.31 12.81
C ARG A 129 10.66 -0.82 11.91
N GLY A 130 10.96 -1.78 11.04
CA GLY A 130 10.00 -2.35 10.14
C GLY A 130 8.87 -3.04 10.87
N ILE A 131 9.21 -3.79 11.91
CA ILE A 131 8.17 -4.43 12.73
C ILE A 131 7.27 -3.42 13.42
N LEU A 132 7.85 -2.34 13.92
CA LEU A 132 7.07 -1.31 14.54
C LEU A 132 6.11 -0.70 13.51
N MET A 133 6.61 -0.44 12.32
CA MET A 133 5.78 0.13 11.28
C MET A 133 4.65 -0.82 10.87
N ALA A 134 4.92 -2.09 10.75
CA ALA A 134 3.89 -3.07 10.31
C ALA A 134 2.88 -3.21 11.40
N PHE A 135 3.26 -3.27 12.65
CA PHE A 135 2.23 -3.37 13.71
C PHE A 135 1.37 -2.11 13.72
N THR A 136 2.00 -0.95 13.49
CA THR A 136 1.23 0.32 13.45
C THR A 136 0.22 0.27 12.30
N GLN A 137 0.61 -0.20 11.13
CA GLN A 137 -0.30 -0.26 9.99
C GLN A 137 -1.50 -1.17 10.31
N ILE A 138 -1.23 -2.30 10.96
CA ILE A 138 -2.30 -3.21 11.33
C ILE A 138 -3.30 -2.56 12.27
N VAL A 139 -2.80 -1.88 13.31
CA VAL A 139 -3.69 -1.21 14.25
C VAL A 139 -4.47 -0.10 13.55
N ALA A 140 -3.78 0.66 12.67
CA ALA A 140 -4.49 1.69 11.91
C ALA A 140 -5.60 1.13 11.07
N GLY A 141 -5.39 -0.05 10.46
CA GLY A 141 -6.40 -0.69 9.60
C GLY A 141 -7.62 -1.13 10.45
N MET A 142 -7.39 -1.62 11.66
CA MET A 142 -8.44 -1.92 12.56
C MET A 142 -9.23 -0.67 12.87
N ALA A 143 -8.55 0.39 13.26
CA ALA A 143 -9.19 1.64 13.61
C ALA A 143 -10.04 2.16 12.39
N ALA A 144 -9.44 2.13 11.19
CA ALA A 144 -10.12 2.61 10.01
C ALA A 144 -11.38 1.81 9.73
N ALA A 145 -11.28 0.50 9.91
CA ALA A 145 -12.47 -0.36 9.66
C ALA A 145 -13.62 -0.05 10.67
N GLY A 146 -13.23 0.09 11.94
CA GLY A 146 -14.23 0.42 12.93
C GLY A 146 -14.86 1.75 12.71
N ALA A 147 -14.05 2.74 12.34
CA ALA A 147 -14.59 4.08 12.06
C ALA A 147 -15.47 4.09 10.81
N ALA A 148 -15.06 3.40 9.76
CA ALA A 148 -15.87 3.41 8.52
C ALA A 148 -17.19 2.67 8.85
N SER A 149 -17.16 1.60 9.61
CA SER A 149 -18.35 0.85 10.02
C SER A 149 -19.33 1.73 10.75
N ALA A 150 -18.80 2.49 11.75
CA ALA A 150 -19.67 3.30 12.56
C ALA A 150 -20.24 4.50 11.83
N MET A 151 -19.50 5.02 10.88
CA MET A 151 -19.87 6.25 10.22
C MET A 151 -20.82 6.06 9.03
N THR A 152 -21.01 4.80 8.59
CA THR A 152 -21.86 4.51 7.45
C THR A 152 -23.01 3.65 7.85
N PRO A 153 -24.20 3.93 7.28
CA PRO A 153 -25.33 3.06 7.53
C PRO A 153 -25.16 1.71 6.88
N GLY A 154 -25.77 0.73 7.49
CA GLY A 154 -25.79 -0.59 6.90
C GLY A 154 -24.63 -1.41 7.39
N GLU A 155 -24.67 -2.67 6.99
CA GLU A 155 -23.64 -3.67 7.28
C GLU A 155 -22.35 -3.32 6.54
N ILE A 156 -21.24 -3.80 7.07
CA ILE A 156 -19.97 -3.63 6.41
C ILE A 156 -19.99 -4.28 5.02
N ALA A 157 -19.63 -3.50 4.02
CA ALA A 157 -19.55 -3.98 2.62
C ALA A 157 -18.19 -3.88 2.01
N PHE A 158 -17.15 -3.73 2.86
CA PHE A 158 -15.81 -3.47 2.41
C PHE A 158 -14.82 -4.56 2.86
N ALA A 159 -15.32 -5.69 3.31
CA ALA A 159 -14.44 -6.85 3.63
C ALA A 159 -14.10 -7.61 2.36
N ASN A 160 -12.93 -8.22 2.34
CA ASN A 160 -12.48 -9.03 1.24
C ASN A 160 -13.16 -10.41 1.18
N ALA A 161 -13.49 -10.82 -0.02
CA ALA A 161 -14.06 -12.18 -0.27
C ALA A 161 -13.78 -12.57 -1.72
N LEU A 162 -13.71 -13.88 -1.94
CA LEU A 162 -13.52 -14.35 -3.27
C LEU A 162 -14.85 -14.14 -4.06
N GLY A 163 -14.73 -13.90 -5.36
CA GLY A 163 -15.90 -13.70 -6.25
C GLY A 163 -15.53 -14.05 -7.66
N GLY A 164 -16.50 -13.81 -8.57
CA GLY A 164 -16.23 -13.90 -10.02
C GLY A 164 -15.81 -15.28 -10.48
N GLY A 165 -16.12 -16.30 -9.69
CA GLY A 165 -15.71 -17.67 -9.97
C GLY A 165 -14.34 -18.10 -9.61
N ALA A 166 -13.58 -17.20 -8.95
CA ALA A 166 -12.16 -17.52 -8.66
C ALA A 166 -12.06 -18.53 -7.53
N SER A 167 -11.15 -19.45 -7.69
CA SER A 167 -10.80 -20.32 -6.65
C SER A 167 -9.79 -19.72 -5.69
N ARG A 168 -9.52 -20.42 -4.58
CA ARG A 168 -8.53 -19.94 -3.60
C ARG A 168 -7.12 -19.81 -4.26
N THR A 169 -6.79 -20.83 -5.05
CA THR A 169 -5.47 -20.88 -5.69
C THR A 169 -5.36 -19.75 -6.70
N ARG A 170 -6.39 -19.52 -7.56
CA ARG A 170 -6.30 -18.35 -8.45
C ARG A 170 -6.21 -17.09 -7.67
N GLY A 171 -6.96 -16.97 -6.60
CA GLY A 171 -6.95 -15.75 -5.82
C GLY A 171 -5.59 -15.47 -5.19
N LEU A 172 -4.91 -16.50 -4.73
CA LEU A 172 -3.58 -16.39 -4.13
C LEU A 172 -2.60 -15.78 -5.18
N PHE A 173 -2.64 -16.30 -6.39
CA PHE A 173 -1.74 -15.80 -7.42
C PHE A 173 -2.06 -14.42 -7.90
N LEU A 174 -3.35 -14.07 -8.03
CA LEU A 174 -3.76 -12.73 -8.34
C LEU A 174 -3.22 -11.74 -7.28
N GLU A 175 -3.42 -12.12 -6.03
CA GLU A 175 -2.96 -11.27 -4.93
C GLU A 175 -1.42 -11.10 -5.00
N ALA A 176 -0.71 -12.20 -5.24
CA ALA A 176 0.72 -12.13 -5.24
C ALA A 176 1.24 -11.23 -6.40
N PHE A 177 0.76 -11.46 -7.61
N PHE A 177 0.71 -11.43 -7.61
CA PHE A 177 1.23 -10.64 -8.70
CA PHE A 177 1.16 -10.66 -8.78
C PHE A 177 0.80 -9.18 -8.53
C PHE A 177 0.72 -9.19 -8.71
N GLY A 178 -0.43 -8.88 -8.11
CA GLY A 178 -0.82 -7.49 -7.92
C GLY A 178 0.08 -6.85 -6.92
N THR A 179 0.39 -7.54 -5.83
CA THR A 179 1.28 -6.97 -4.78
C THR A 179 2.68 -6.76 -5.33
N ALA A 180 3.17 -7.68 -6.15
CA ALA A 180 4.49 -7.53 -6.79
C ALA A 180 4.58 -6.24 -7.57
N ILE A 181 3.54 -5.91 -8.36
CA ILE A 181 3.56 -4.72 -9.14
C ILE A 181 3.72 -3.49 -8.22
N LEU A 182 2.96 -3.45 -7.15
CA LEU A 182 3.05 -2.36 -6.19
C LEU A 182 4.46 -2.24 -5.58
N CYS A 183 4.96 -3.38 -5.13
CA CYS A 183 6.23 -3.37 -4.45
C CYS A 183 7.38 -3.03 -5.41
N LEU A 184 7.36 -3.51 -6.62
CA LEU A 184 8.42 -3.18 -7.59
C LEU A 184 8.40 -1.72 -7.94
N THR A 185 7.21 -1.11 -7.95
CA THR A 185 7.11 0.31 -8.18
C THR A 185 7.80 1.05 -7.02
N VAL A 186 7.51 0.71 -5.79
CA VAL A 186 8.18 1.33 -4.65
C VAL A 186 9.73 1.23 -4.79
N LEU A 187 10.17 0.01 -5.10
CA LEU A 187 11.62 -0.19 -5.14
C LEU A 187 12.29 0.65 -6.22
N MET A 188 11.74 0.66 -7.42
CA MET A 188 12.41 1.31 -8.55
C MET A 188 12.28 2.83 -8.55
N LEU A 189 11.23 3.32 -7.91
CA LEU A 189 10.98 4.77 -7.92
C LEU A 189 11.33 5.47 -6.65
N ALA A 190 11.03 4.86 -5.48
CA ALA A 190 11.25 5.45 -4.17
C ALA A 190 12.56 5.08 -3.52
N VAL A 191 13.04 3.86 -3.67
CA VAL A 191 14.28 3.41 -3.08
C VAL A 191 15.49 3.85 -3.91
N GLU A 192 15.39 3.60 -5.20
CA GLU A 192 16.41 4.13 -6.13
C GLU A 192 16.38 5.59 -6.10
N LYS A 193 17.57 6.19 -6.18
CA LYS A 193 17.72 7.64 -5.98
C LYS A 193 17.97 8.38 -7.29
N HIS A 194 16.99 9.20 -7.68
CA HIS A 194 17.10 9.89 -8.98
C HIS A 194 16.09 11.04 -9.01
N ARG A 195 16.06 11.74 -10.12
CA ARG A 195 15.19 12.89 -10.26
C ARG A 195 13.70 12.62 -10.34
N ALA A 196 13.30 11.32 -10.37
CA ALA A 196 11.84 11.00 -10.28
C ALA A 196 11.48 10.45 -8.92
N THR A 197 12.40 10.33 -7.96
CA THR A 197 12.02 9.77 -6.66
C THR A 197 10.87 10.59 -6.02
N TRP A 198 10.90 11.91 -6.19
CA TRP A 198 9.86 12.75 -5.56
C TRP A 198 8.45 12.37 -6.03
N PHE A 199 8.35 11.84 -7.24
CA PHE A 199 7.09 11.51 -7.95
C PHE A 199 6.64 10.12 -7.64
N ALA A 200 7.40 9.34 -6.94
CA ALA A 200 7.04 7.99 -6.63
C ALA A 200 5.58 7.86 -6.05
N PRO A 201 5.18 8.78 -5.16
CA PRO A 201 3.80 8.60 -4.62
C PRO A 201 2.73 8.53 -5.72
N PHE A 202 2.89 9.30 -6.77
CA PHE A 202 1.94 9.25 -7.88
C PHE A 202 1.96 7.86 -8.49
N VAL A 203 3.15 7.35 -8.84
CA VAL A 203 3.25 6.08 -9.55
C VAL A 203 2.74 4.96 -8.64
N ILE A 204 3.05 5.02 -7.38
CA ILE A 204 2.56 4.02 -6.39
C ILE A 204 1.03 3.99 -6.40
N GLY A 205 0.41 5.14 -6.43
CA GLY A 205 -1.06 5.21 -6.52
C GLY A 205 -1.61 4.58 -7.77
N ILE A 206 -1.00 4.84 -8.93
CA ILE A 206 -1.45 4.21 -10.16
C ILE A 206 -1.25 2.74 -10.13
N ALA A 207 -0.13 2.27 -9.57
CA ALA A 207 0.10 0.82 -9.43
C ALA A 207 -1.02 0.19 -8.61
N LEU A 208 -1.37 0.82 -7.50
CA LEU A 208 -2.44 0.25 -6.65
C LEU A 208 -3.78 0.30 -7.41
N LEU A 209 -4.03 1.37 -8.17
CA LEU A 209 -5.25 1.50 -8.97
C LEU A 209 -5.35 0.29 -9.91
N ILE A 210 -4.31 -0.01 -10.66
N ILE A 210 -4.29 0.02 -10.64
CA ILE A 210 -4.42 -1.10 -11.61
CA ILE A 210 -4.21 -1.08 -11.58
C ILE A 210 -4.52 -2.42 -10.82
C ILE A 210 -4.43 -2.41 -10.87
N ALA A 211 -3.80 -2.59 -9.72
CA ALA A 211 -3.92 -3.85 -8.94
C ALA A 211 -5.35 -4.05 -8.48
N HIS A 212 -6.07 -3.00 -8.18
CA HIS A 212 -7.52 -3.12 -7.85
C HIS A 212 -8.36 -3.44 -9.05
N LEU A 213 -8.09 -2.89 -10.23
CA LEU A 213 -8.82 -3.29 -11.43
C LEU A 213 -8.58 -4.77 -11.73
N ILE A 214 -7.42 -5.30 -11.42
CA ILE A 214 -7.15 -6.75 -11.57
C ILE A 214 -7.95 -7.58 -10.53
N CYS A 215 -7.90 -7.16 -9.25
CA CYS A 215 -8.27 -8.07 -8.21
C CYS A 215 -9.67 -7.92 -7.61
N ILE A 216 -10.28 -6.73 -7.62
CA ILE A 216 -11.55 -6.56 -6.89
C ILE A 216 -12.54 -7.66 -7.24
N TYR A 217 -12.73 -7.88 -8.54
CA TYR A 217 -13.80 -8.79 -8.94
C TYR A 217 -13.59 -10.20 -8.44
N TYR A 218 -12.32 -10.65 -8.35
CA TYR A 218 -11.96 -12.00 -8.02
C TYR A 218 -11.66 -12.23 -6.52
N THR A 219 -10.99 -11.26 -5.87
CA THR A 219 -10.54 -11.48 -4.48
C THR A 219 -11.03 -10.39 -3.55
N GLY A 220 -11.67 -9.35 -4.08
CA GLY A 220 -11.95 -8.17 -3.31
C GLY A 220 -10.79 -7.20 -3.19
N ALA A 221 -9.62 -7.64 -3.65
CA ALA A 221 -8.37 -6.82 -3.63
C ALA A 221 -7.87 -6.53 -2.22
N GLY A 222 -7.04 -7.46 -1.74
CA GLY A 222 -6.39 -7.31 -0.42
C GLY A 222 -5.16 -6.47 -0.59
N LEU A 223 -4.12 -7.10 -1.09
CA LEU A 223 -2.90 -6.46 -1.53
C LEU A 223 -2.10 -5.81 -0.36
N ASN A 224 -2.51 -6.15 0.84
CA ASN A 224 -2.18 -5.33 2.01
C ASN A 224 -2.81 -6.03 3.23
N PRO A 225 -2.05 -6.78 4.01
CA PRO A 225 -2.66 -7.49 5.12
C PRO A 225 -3.40 -6.60 6.09
N ALA A 226 -2.95 -5.36 6.29
CA ALA A 226 -3.70 -4.46 7.19
C ALA A 226 -5.09 -4.10 6.61
N ARG A 227 -5.21 -3.99 5.33
CA ARG A 227 -6.49 -3.72 4.68
C ARG A 227 -7.46 -4.89 4.82
N SER A 228 -6.95 -6.13 4.76
CA SER A 228 -7.83 -7.33 4.81
C SER A 228 -8.19 -7.65 6.24
N PHE A 229 -7.27 -7.46 7.18
CA PHE A 229 -7.50 -7.87 8.57
C PHE A 229 -8.50 -7.00 9.28
N GLY A 230 -8.40 -5.67 9.13
CA GLY A 230 -9.22 -4.76 9.91
C GLY A 230 -10.72 -5.00 9.69
N PRO A 231 -11.22 -5.07 8.47
CA PRO A 231 -12.62 -5.37 8.27
C PRO A 231 -13.09 -6.70 8.77
N ALA A 232 -12.23 -7.73 8.71
CA ALA A 232 -12.53 -8.99 9.25
C ALA A 232 -12.76 -8.98 10.75
N VAL A 233 -11.96 -8.23 11.50
CA VAL A 233 -12.17 -8.02 12.93
C VAL A 233 -13.46 -7.28 13.18
N ALA A 234 -13.71 -6.21 12.41
CA ALA A 234 -14.88 -5.39 12.64
C ALA A 234 -16.19 -6.13 12.35
N ALA A 235 -16.15 -6.97 11.31
CA ALA A 235 -17.35 -7.75 10.96
C ALA A 235 -17.43 -9.03 11.75
N ARG A 236 -16.41 -9.32 12.53
CA ARG A 236 -16.30 -10.58 13.34
C ARG A 236 -16.45 -11.79 12.43
N SER A 237 -15.78 -11.72 11.30
CA SER A 237 -15.95 -12.75 10.28
C SER A 237 -14.65 -12.95 9.52
N PHE A 238 -14.13 -14.14 9.66
CA PHE A 238 -12.94 -14.63 8.95
C PHE A 238 -13.25 -15.82 8.06
N PRO A 239 -13.24 -15.61 6.73
CA PRO A 239 -13.35 -16.83 5.91
C PRO A 239 -12.17 -17.75 6.11
N ASN A 240 -12.35 -19.04 5.91
CA ASN A 240 -11.31 -19.99 6.12
C ASN A 240 -10.11 -19.75 5.15
N TYR A 241 -10.39 -19.10 4.05
CA TYR A 241 -9.35 -18.75 3.08
C TYR A 241 -8.66 -17.42 3.35
N HIS A 242 -8.88 -16.87 4.50
CA HIS A 242 -8.28 -15.55 4.83
C HIS A 242 -6.75 -15.54 4.68
N TRP A 243 -6.12 -16.69 4.84
CA TRP A 243 -4.67 -16.79 4.67
C TRP A 243 -4.19 -16.32 3.31
N ILE A 244 -5.04 -16.34 2.24
CA ILE A 244 -4.52 -15.90 0.97
C ILE A 244 -4.13 -14.42 0.98
N TYR A 245 -4.81 -13.67 1.87
CA TYR A 245 -4.61 -12.22 2.00
C TYR A 245 -3.36 -11.86 2.80
N TRP A 246 -2.73 -12.86 3.36
CA TRP A 246 -1.43 -12.74 4.05
C TRP A 246 -0.36 -13.35 3.16
N LEU A 247 -0.48 -14.62 2.76
CA LEU A 247 0.54 -15.25 1.96
C LEU A 247 0.65 -14.59 0.60
N GLY A 248 -0.45 -14.23 -0.07
CA GLY A 248 -0.35 -13.65 -1.39
C GLY A 248 0.53 -12.39 -1.39
N PRO A 249 0.21 -11.41 -0.54
CA PRO A 249 1.05 -10.21 -0.56
C PRO A 249 2.48 -10.48 -0.11
N ILE A 250 2.71 -11.38 0.83
CA ILE A 250 4.07 -11.72 1.21
C ILE A 250 4.83 -12.27 0.01
N LEU A 251 4.26 -13.19 -0.73
CA LEU A 251 4.94 -13.72 -1.91
C LEU A 251 5.19 -12.62 -2.92
N GLY A 252 4.27 -11.69 -3.07
CA GLY A 252 4.49 -10.59 -4.05
C GLY A 252 5.64 -9.70 -3.62
N ALA A 253 5.81 -9.47 -2.34
CA ALA A 253 6.87 -8.68 -1.85
C ALA A 253 8.21 -9.36 -2.14
N PHE A 254 8.29 -10.64 -1.95
CA PHE A 254 9.50 -11.41 -2.23
C PHE A 254 9.80 -11.43 -3.73
N LEU A 255 8.80 -11.57 -4.60
CA LEU A 255 9.01 -11.51 -6.02
C LEU A 255 9.55 -10.20 -6.46
N ALA A 256 8.95 -9.12 -6.00
CA ALA A 256 9.45 -7.79 -6.37
C ALA A 256 10.87 -7.58 -5.89
N TYR A 257 11.18 -7.95 -4.65
CA TYR A 257 12.51 -7.87 -4.14
C TYR A 257 13.49 -8.59 -5.00
N SER A 258 13.17 -9.80 -5.42
CA SER A 258 14.03 -10.63 -6.22
C SER A 258 14.41 -10.00 -7.53
N ILE A 259 13.44 -9.37 -8.20
CA ILE A 259 13.72 -8.70 -9.47
C ILE A 259 14.62 -7.48 -9.27
N TRP A 260 14.30 -6.68 -8.27
CA TRP A 260 15.12 -5.50 -7.91
C TRP A 260 16.55 -5.97 -7.60
N GLN A 261 16.71 -7.02 -6.79
CA GLN A 261 18.00 -7.45 -6.38
C GLN A 261 18.81 -7.94 -7.55
N MET A 262 18.17 -8.63 -8.51
CA MET A 262 18.88 -9.02 -9.72
C MET A 262 19.42 -7.81 -10.45
N TRP A 263 18.62 -6.79 -10.62
CA TRP A 263 19.04 -5.59 -11.34
C TRP A 263 20.15 -4.85 -10.56
N LYS A 264 20.09 -4.83 -9.24
CA LYS A 264 21.14 -4.18 -8.44
C LYS A 264 22.46 -4.97 -8.61
N TRP A 265 22.37 -6.29 -8.60
N TRP A 265 22.41 -6.29 -8.60
CA TRP A 265 23.54 -7.17 -8.79
CA TRP A 265 23.65 -7.05 -8.79
C TRP A 265 24.20 -6.92 -10.13
C TRP A 265 24.25 -6.83 -10.18
N LEU A 266 23.37 -6.67 -11.16
CA LEU A 266 23.82 -6.36 -12.54
C LEU A 266 24.26 -4.89 -12.73
N ASN A 267 24.10 -4.02 -11.72
CA ASN A 267 24.42 -2.60 -11.87
C ASN A 267 23.68 -2.04 -13.07
N TYR A 268 22.36 -2.19 -13.04
CA TYR A 268 21.53 -1.94 -14.23
C TYR A 268 21.72 -0.53 -14.84
N GLN A 269 21.97 0.45 -13.98
CA GLN A 269 21.91 1.86 -14.37
C GLN A 269 23.15 2.31 -15.07
N THR A 270 24.21 1.45 -15.17
CA THR A 270 25.47 1.82 -15.69
C THR A 270 25.85 0.92 -16.84
N THR A 271 26.23 1.53 -17.95
CA THR A 271 26.63 0.75 -19.11
C THR A 271 27.96 0.04 -18.89
N ASN A 272 28.92 0.77 -18.30
CA ASN A 272 30.27 0.24 -18.20
C ASN A 272 30.72 0.36 -16.72
N PRO A 273 30.36 -0.63 -15.90
CA PRO A 273 30.78 -0.59 -14.48
C PRO A 273 32.28 -0.76 -14.31
C1 BOG B . 20.59 11.39 20.04
O1 BOG B . 20.40 10.52 21.11
C2 BOG B . 19.47 11.20 19.05
O2 BOG B . 19.60 9.87 18.47
C3 BOG B . 19.61 12.26 17.97
O3 BOG B . 18.57 12.06 17.02
C4 BOG B . 19.62 13.72 18.51
O4 BOG B . 20.08 14.56 17.43
C5 BOG B . 20.69 13.71 19.59
O5 BOG B . 20.40 12.68 20.54
C6 BOG B . 20.97 15.00 20.35
O6 BOG B . 19.81 15.30 21.09
C1' BOG B . 21.62 10.36 21.94
C2' BOG B . 21.57 10.84 23.38
C3' BOG B . 22.93 10.71 24.10
C4' BOG B . 23.12 11.60 25.35
H1 BOG B . 21.57 11.26 19.54
H2 BOG B . 18.49 11.32 19.56
HO2 BOG B . 18.93 9.42 18.74
H3 BOG B . 20.58 12.10 17.47
HO3 BOG B . 18.52 11.18 16.81
H4 BOG B . 18.63 14.02 18.90
HO4 BOG B . 19.63 15.29 17.41
H5 BOG B . 21.64 13.46 19.08
H61 BOG B . 21.21 15.81 19.65
H62 BOG B . 21.82 14.87 21.03
HO6 BOG B . 18.96 15.02 20.66
H1'1 BOG B . 22.46 10.86 21.45
H1'2 BOG B . 21.87 9.29 21.96
H2'1 BOG B . 20.81 10.26 23.93
H2'2 BOG B . 21.25 11.89 23.40
H3'1 BOG B . 23.73 10.94 23.39
H3'2 BOG B . 23.07 9.67 24.40
H4'1 BOG B . 23.79 11.59 25.62
H4'2 BOG B . 22.14 11.85 25.76
CL CL C . 20.94 5.61 17.20
CL CL D . 15.91 21.28 -11.02
CA CA E . -22.37 0.57 9.44
#